data_4JR1
#
_entry.id   4JR1
#
_cell.length_a   57.284
_cell.length_b   100.016
_cell.length_c   161.587
_cell.angle_alpha   90.00
_cell.angle_beta   90.00
_cell.angle_gamma   90.00
#
_symmetry.space_group_name_H-M   'C 2 2 21'
#
loop_
_entity.id
_entity.type
_entity.pdbx_description
1 polymer Procaspase-7
2 polymer Ac-DEVD-CMK
3 non-polymer 'CHLORIDE ION'
4 water water
#
loop_
_entity_poly.entity_id
_entity_poly.type
_entity_poly.pdbx_seq_one_letter_code
_entity_poly.pdbx_strand_id
1 'polypeptide(L)'
;SNATYQYNMNFEKLGKCIIINNKNFDKVTGMGVRNGTDKDAEALFKCFRSLGFDVIVYNDCSCAKMQDLLKKASEEDHTN
AACFACILLSHGEENVIYGKDGVTPIKDLTAHFRGDRCKTLLEKPKLFFIQACRGTELDDGIQAASGPINDTDANPRYKI
PVEADFLFAYSTVPGYYSWRSPGRGSWFVQALCSILEEHGKDLEIMQILTRVNDRVARHFESQSDDPHFHEKKQIPCVVS
MLTKELYFSQ
;
A,B
2 'polypeptide(L)' (ACE)DEV(AKZ)(0QE) C,D
#
loop_
_chem_comp.id
_chem_comp.type
_chem_comp.name
_chem_comp.formula
0QE non-polymer chloromethane 'C H3 Cl'
ACE non-polymer 'ACETYL GROUP' 'C2 H4 O'
AKZ peptide-like '(3S)-3-amino-4,4-dihydroxybutanoic acid' 'C4 H9 N O4'
CL non-polymer 'CHLORIDE ION' 'Cl -1'
#
# COMPACT_ATOMS: atom_id res chain seq x y z
N ALA A 3 22.51 -4.66 -4.89
CA ALA A 3 22.91 -5.57 -3.81
C ALA A 3 22.11 -5.33 -2.54
N THR A 4 22.37 -4.21 -1.88
CA THR A 4 21.71 -3.88 -0.62
C THR A 4 20.32 -3.28 -0.84
N TYR A 5 19.91 -3.18 -2.10
CA TYR A 5 18.61 -2.61 -2.43
C TYR A 5 17.66 -3.66 -3.00
N GLN A 6 18.12 -4.91 -3.01
CA GLN A 6 17.30 -6.03 -3.45
C GLN A 6 17.27 -7.11 -2.37
N TYR A 7 16.15 -7.82 -2.28
CA TYR A 7 16.03 -8.93 -1.34
C TYR A 7 16.99 -10.05 -1.74
N ASN A 8 17.68 -10.61 -0.75
CA ASN A 8 18.56 -11.74 -0.98
C ASN A 8 17.77 -12.97 -1.46
N MET A 9 18.03 -13.40 -2.69
CA MET A 9 17.32 -14.52 -3.28
C MET A 9 18.17 -15.78 -3.32
N ASN A 10 19.34 -15.72 -2.69
CA ASN A 10 20.25 -16.86 -2.69
C ASN A 10 19.90 -17.88 -1.60
N PHE A 11 18.81 -18.61 -1.82
CA PHE A 11 18.40 -19.66 -0.91
C PHE A 11 18.19 -20.96 -1.68
N GLU A 12 18.08 -22.07 -0.94
CA GLU A 12 17.91 -23.38 -1.57
C GLU A 12 16.63 -23.46 -2.38
N LYS A 13 15.60 -22.74 -1.94
CA LYS A 13 14.33 -22.71 -2.65
C LYS A 13 13.67 -21.34 -2.54
N LEU A 14 12.84 -21.00 -3.51
CA LEU A 14 12.18 -19.70 -3.54
C LEU A 14 11.21 -19.55 -2.37
N GLY A 15 10.48 -20.62 -2.06
CA GLY A 15 9.55 -20.60 -0.95
C GLY A 15 8.23 -21.26 -1.26
N LYS A 16 7.34 -21.31 -0.28
CA LYS A 16 6.03 -21.92 -0.43
C LYS A 16 4.99 -20.93 -0.91
N CYS A 17 4.12 -21.36 -1.81
CA CYS A 17 2.99 -20.55 -2.26
C CYS A 17 1.68 -21.29 -1.97
N ILE A 18 0.88 -20.73 -1.08
CA ILE A 18 -0.38 -21.36 -0.70
C ILE A 18 -1.58 -20.71 -1.38
N ILE A 19 -2.33 -21.49 -2.13
CA ILE A 19 -3.53 -20.99 -2.79
C ILE A 19 -4.79 -21.51 -2.11
N ILE A 20 -5.61 -20.58 -1.64
CA ILE A 20 -6.90 -20.93 -1.06
C ILE A 20 -8.00 -20.66 -2.08
N ASN A 21 -8.53 -21.73 -2.67
CA ASN A 21 -9.54 -21.62 -3.72
C ASN A 21 -10.95 -21.91 -3.21
N ASN A 22 -11.68 -20.87 -2.85
CA ASN A 22 -13.03 -21.03 -2.35
C ASN A 22 -14.09 -20.83 -3.44
N LYS A 23 -14.76 -21.92 -3.79
CA LYS A 23 -15.74 -21.91 -4.88
C LYS A 23 -17.16 -22.09 -4.35
N ASN A 24 -17.36 -23.10 -3.51
CA ASN A 24 -18.67 -23.41 -2.96
C ASN A 24 -18.81 -22.92 -1.52
N PHE A 25 -19.89 -22.18 -1.27
CA PHE A 25 -20.10 -21.58 0.04
C PHE A 25 -21.40 -22.06 0.68
N ASP A 26 -21.41 -22.08 2.01
CA ASP A 26 -22.60 -22.49 2.74
C ASP A 26 -23.76 -21.53 2.48
N LYS A 27 -24.98 -22.07 2.60
CA LYS A 27 -26.20 -21.32 2.34
C LYS A 27 -26.33 -20.11 3.25
N VAL A 28 -25.82 -20.24 4.47
CA VAL A 28 -25.94 -19.17 5.47
C VAL A 28 -25.06 -17.96 5.17
N THR A 29 -24.13 -18.11 4.22
CA THR A 29 -23.26 -17.00 3.83
C THR A 29 -23.99 -16.05 2.90
N GLY A 30 -24.96 -16.58 2.15
CA GLY A 30 -25.71 -15.78 1.19
C GLY A 30 -24.92 -15.52 -0.08
N MET A 31 -23.81 -16.23 -0.24
CA MET A 31 -22.95 -16.04 -1.40
C MET A 31 -23.11 -17.17 -2.41
N GLY A 32 -23.06 -16.83 -3.69
CA GLY A 32 -23.26 -17.81 -4.74
C GLY A 32 -22.00 -18.53 -5.14
N VAL A 33 -22.13 -19.52 -6.02
CA VAL A 33 -21.00 -20.30 -6.51
C VAL A 33 -20.07 -19.42 -7.34
N ARG A 34 -18.77 -19.58 -7.14
CA ARG A 34 -17.78 -18.82 -7.89
C ARG A 34 -17.27 -19.62 -9.08
N ASN A 35 -18.09 -19.75 -10.12
CA ASN A 35 -17.68 -20.47 -11.32
C ASN A 35 -16.52 -19.79 -12.02
N GLY A 36 -15.54 -20.58 -12.45
CA GLY A 36 -14.38 -20.06 -13.13
C GLY A 36 -13.14 -19.97 -12.26
N THR A 37 -13.32 -20.12 -10.94
CA THR A 37 -12.22 -20.00 -10.01
C THR A 37 -11.29 -21.22 -10.05
N ASP A 38 -11.82 -22.34 -10.54
CA ASP A 38 -11.00 -23.54 -10.71
C ASP A 38 -9.96 -23.32 -11.78
N LYS A 39 -10.34 -22.61 -12.85
CA LYS A 39 -9.41 -22.29 -13.91
C LYS A 39 -8.37 -21.29 -13.43
N ASP A 40 -8.76 -20.42 -12.50
CA ASP A 40 -7.84 -19.48 -11.90
C ASP A 40 -6.80 -20.20 -11.07
N ALA A 41 -7.25 -21.12 -10.22
CA ALA A 41 -6.36 -21.87 -9.34
C ALA A 41 -5.36 -22.71 -10.12
N GLU A 42 -5.82 -23.34 -11.20
CA GLU A 42 -4.96 -24.17 -12.03
C GLU A 42 -3.95 -23.30 -12.78
N ALA A 43 -4.40 -22.17 -13.30
CA ALA A 43 -3.52 -21.24 -14.00
C ALA A 43 -2.48 -20.65 -13.05
N LEU A 44 -2.92 -20.28 -11.85
CA LEU A 44 -2.03 -19.75 -10.82
C LEU A 44 -1.03 -20.80 -10.37
N PHE A 45 -1.46 -22.06 -10.34
CA PHE A 45 -0.59 -23.15 -9.97
C PHE A 45 0.59 -23.25 -10.93
N LYS A 46 0.29 -23.10 -12.22
CA LYS A 46 1.32 -23.24 -13.25
C LYS A 46 2.28 -22.06 -13.30
N CYS A 47 1.73 -20.84 -13.32
CA CYS A 47 2.57 -19.65 -13.47
C CYS A 47 3.40 -19.35 -12.21
N PHE A 48 3.00 -19.91 -11.07
CA PHE A 48 3.77 -19.73 -9.84
C PHE A 48 4.81 -20.83 -9.63
N ARG A 49 4.51 -22.03 -10.12
CA ARG A 49 5.49 -23.11 -10.11
C ARG A 49 6.68 -22.75 -11.00
N SER A 50 6.39 -22.03 -12.07
CA SER A 50 7.42 -21.60 -13.03
C SER A 50 8.36 -20.57 -12.40
N LEU A 51 7.83 -19.76 -11.49
CA LEU A 51 8.64 -18.77 -10.78
C LEU A 51 9.63 -19.46 -9.85
N GLY A 52 9.26 -20.64 -9.37
CA GLY A 52 10.11 -21.40 -8.47
C GLY A 52 9.41 -21.73 -7.16
N PHE A 53 8.17 -21.27 -7.03
CA PHE A 53 7.39 -21.52 -5.83
C PHE A 53 6.94 -22.98 -5.74
N ASP A 54 6.88 -23.50 -4.51
CA ASP A 54 6.27 -24.79 -4.26
C ASP A 54 4.81 -24.56 -3.93
N VAL A 55 3.96 -24.68 -4.94
CA VAL A 55 2.55 -24.31 -4.82
C VAL A 55 1.67 -25.40 -4.19
N ILE A 56 0.86 -25.00 -3.21
CA ILE A 56 -0.09 -25.90 -2.58
C ILE A 56 -1.50 -25.31 -2.71
N VAL A 57 -2.45 -26.12 -3.15
CA VAL A 57 -3.81 -25.63 -3.38
C VAL A 57 -4.84 -26.26 -2.43
N TYR A 58 -5.57 -25.40 -1.73
CA TYR A 58 -6.66 -25.84 -0.87
C TYR A 58 -7.99 -25.36 -1.45
N ASN A 59 -9.05 -26.14 -1.25
CA ASN A 59 -10.35 -25.83 -1.83
C ASN A 59 -11.48 -25.77 -0.81
N ASP A 60 -12.37 -24.79 -0.99
CA ASP A 60 -13.55 -24.63 -0.15
C ASP A 60 -13.24 -24.69 1.36
N CYS A 61 -12.38 -23.78 1.80
CA CYS A 61 -11.95 -23.76 3.19
C CYS A 61 -12.86 -22.91 4.07
N SER A 62 -13.18 -23.43 5.25
CA SER A 62 -13.89 -22.65 6.26
C SER A 62 -12.93 -21.62 6.83
N CYS A 63 -13.47 -20.68 7.60
CA CYS A 63 -12.64 -19.63 8.20
C CYS A 63 -11.60 -20.20 9.16
N ALA A 64 -12.01 -21.19 9.95
CA ALA A 64 -11.11 -21.85 10.89
C ALA A 64 -10.02 -22.61 10.13
N LYS A 65 -10.42 -23.20 9.01
CA LYS A 65 -9.48 -23.95 8.16
C LYS A 65 -8.43 -23.03 7.56
N MET A 66 -8.86 -21.86 7.08
CA MET A 66 -7.96 -20.88 6.50
C MET A 66 -6.95 -20.37 7.52
N GLN A 67 -7.44 -20.10 8.73
CA GLN A 67 -6.58 -19.62 9.81
C GLN A 67 -5.58 -20.69 10.25
N ASP A 68 -6.04 -21.94 10.31
CA ASP A 68 -5.20 -23.03 10.79
C ASP A 68 -4.05 -23.33 9.85
N LEU A 69 -4.35 -23.50 8.56
CA LEU A 69 -3.33 -23.89 7.59
C LEU A 69 -2.27 -22.80 7.40
N LEU A 70 -2.69 -21.54 7.51
CA LEU A 70 -1.75 -20.43 7.41
C LEU A 70 -0.90 -20.31 8.68
N LYS A 71 -1.51 -20.64 9.82
CA LYS A 71 -0.78 -20.66 11.09
C LYS A 71 0.25 -21.78 11.09
N LYS A 72 -0.16 -22.95 10.60
CA LYS A 72 0.75 -24.09 10.48
C LYS A 72 1.90 -23.77 9.55
N ALA A 73 1.59 -23.10 8.44
CA ALA A 73 2.60 -22.73 7.45
C ALA A 73 3.60 -21.73 7.99
N SER A 74 3.13 -20.85 8.87
CA SER A 74 4.00 -19.84 9.47
C SER A 74 4.89 -20.45 10.53
N GLU A 75 4.54 -21.66 10.96
CA GLU A 75 5.31 -22.38 11.97
C GLU A 75 6.28 -23.38 11.34
N GLU A 76 6.28 -23.44 10.01
CA GLU A 76 7.23 -24.25 9.30
C GLU A 76 8.59 -23.56 9.26
N ASP A 77 9.63 -24.30 8.92
CA ASP A 77 10.99 -23.74 8.88
C ASP A 77 11.27 -23.15 7.49
N HIS A 78 11.27 -21.82 7.41
CA HIS A 78 11.51 -21.13 6.15
C HIS A 78 12.94 -20.59 6.08
N THR A 79 13.84 -21.21 6.83
CA THR A 79 15.23 -20.78 6.88
C THR A 79 15.89 -20.81 5.51
N ASN A 80 15.69 -21.91 4.79
CA ASN A 80 16.29 -22.07 3.46
C ASN A 80 15.34 -21.64 2.34
N ALA A 81 14.38 -20.77 2.68
CA ALA A 81 13.47 -20.23 1.69
C ALA A 81 13.69 -18.72 1.53
N ALA A 82 13.50 -18.23 0.31
CA ALA A 82 13.72 -16.82 0.01
C ALA A 82 12.55 -15.95 0.42
N CYS A 83 11.34 -16.46 0.23
CA CYS A 83 10.13 -15.69 0.53
C CYS A 83 8.91 -16.59 0.72
N PHE A 84 7.77 -15.97 0.96
CA PHE A 84 6.51 -16.69 1.10
C PHE A 84 5.42 -16.00 0.27
N ALA A 85 4.50 -16.79 -0.26
CA ALA A 85 3.39 -16.26 -1.05
C ALA A 85 2.08 -16.93 -0.68
N CYS A 86 0.99 -16.15 -0.71
CA CYS A 86 -0.34 -16.68 -0.44
C CYS A 86 -1.35 -16.05 -1.39
N ILE A 87 -2.17 -16.90 -2.01
CA ILE A 87 -3.17 -16.41 -2.95
C ILE A 87 -4.58 -16.76 -2.46
N LEU A 88 -5.44 -15.76 -2.38
CA LEU A 88 -6.80 -15.95 -1.89
C LEU A 88 -7.82 -15.74 -3.01
N LEU A 89 -8.60 -16.78 -3.29
CA LEU A 89 -9.65 -16.71 -4.31
C LEU A 89 -11.00 -17.00 -3.67
N SER A 90 -11.79 -15.95 -3.44
CA SER A 90 -13.09 -16.10 -2.78
C SER A 90 -13.93 -14.83 -2.89
N HIS A 91 -15.09 -14.84 -2.24
CA HIS A 91 -15.89 -13.63 -2.11
C HIS A 91 -15.25 -12.77 -1.03
N GLY A 92 -15.63 -11.49 -0.98
CA GLY A 92 -15.07 -10.60 0.01
C GLY A 92 -15.83 -9.30 0.21
N GLU A 93 -15.74 -8.77 1.42
CA GLU A 93 -16.27 -7.45 1.74
C GLU A 93 -15.14 -6.61 2.32
N GLU A 94 -15.47 -5.49 2.96
CA GLU A 94 -14.42 -4.61 3.48
C GLU A 94 -13.58 -5.27 4.57
N ASN A 95 -12.26 -5.29 4.35
CA ASN A 95 -11.29 -5.83 5.30
C ASN A 95 -11.43 -7.34 5.60
N VAL A 96 -12.39 -8.00 4.94
CA VAL A 96 -12.64 -9.41 5.21
C VAL A 96 -12.66 -10.26 3.95
N ILE A 97 -12.33 -11.54 4.11
CA ILE A 97 -12.42 -12.51 3.03
C ILE A 97 -13.44 -13.58 3.43
N TYR A 98 -14.13 -14.16 2.45
CA TYR A 98 -15.15 -15.15 2.73
C TYR A 98 -14.58 -16.56 2.79
N GLY A 99 -14.83 -17.25 3.90
CA GLY A 99 -14.57 -18.67 3.99
C GLY A 99 -15.83 -19.40 3.56
N LYS A 100 -15.81 -20.73 3.62
CA LYS A 100 -16.96 -21.52 3.22
C LYS A 100 -18.17 -21.26 4.12
N ASP A 101 -17.91 -20.94 5.39
CA ASP A 101 -18.97 -20.81 6.38
C ASP A 101 -19.20 -19.38 6.86
N GLY A 102 -18.41 -18.44 6.37
CA GLY A 102 -18.56 -17.04 6.76
C GLY A 102 -17.38 -16.16 6.40
N VAL A 103 -17.15 -15.13 7.22
CA VAL A 103 -16.09 -14.17 6.95
C VAL A 103 -14.98 -14.20 7.99
N THR A 104 -13.78 -13.83 7.58
CA THR A 104 -12.65 -13.71 8.50
C THR A 104 -11.78 -12.52 8.09
N PRO A 105 -11.30 -11.76 9.07
CA PRO A 105 -10.44 -10.60 8.82
C PRO A 105 -9.17 -10.98 8.06
N ILE A 106 -8.87 -10.24 7.00
CA ILE A 106 -7.69 -10.51 6.19
C ILE A 106 -6.42 -10.35 7.01
N LYS A 107 -6.41 -9.35 7.90
CA LYS A 107 -5.25 -9.11 8.76
C LYS A 107 -5.04 -10.21 9.79
N ASP A 108 -6.09 -10.98 10.07
CA ASP A 108 -5.96 -12.14 10.95
C ASP A 108 -5.21 -13.26 10.24
N LEU A 109 -5.40 -13.34 8.92
CA LEU A 109 -4.71 -14.34 8.11
C LEU A 109 -3.23 -14.02 7.98
N THR A 110 -2.93 -12.73 7.80
CA THR A 110 -1.56 -12.29 7.57
C THR A 110 -0.77 -12.11 8.87
N ALA A 111 -1.49 -12.06 9.98
CA ALA A 111 -0.87 -11.84 11.29
C ALA A 111 0.11 -12.94 11.66
N HIS A 112 -0.14 -14.15 11.17
CA HIS A 112 0.69 -15.31 11.48
C HIS A 112 2.11 -15.15 10.94
N PHE A 113 2.26 -14.32 9.92
CA PHE A 113 3.55 -14.17 9.25
C PHE A 113 4.28 -12.88 9.64
N ARG A 114 3.76 -12.18 10.63
CA ARG A 114 4.42 -10.97 11.12
C ARG A 114 5.82 -11.28 11.64
N GLY A 115 6.68 -10.27 11.66
CA GLY A 115 8.08 -10.44 12.03
C GLY A 115 8.30 -11.02 13.42
N ASP A 116 7.34 -10.82 14.31
CA ASP A 116 7.45 -11.31 15.68
C ASP A 116 6.90 -12.73 15.85
N ARG A 117 6.09 -13.17 14.89
CA ARG A 117 5.47 -14.48 14.98
C ARG A 117 6.12 -15.50 14.05
N CYS A 118 6.79 -15.02 13.01
CA CYS A 118 7.43 -15.89 12.04
C CYS A 118 8.88 -15.48 11.83
N LYS A 119 9.76 -16.01 12.67
CA LYS A 119 11.17 -15.63 12.68
C LYS A 119 11.94 -16.11 11.44
N THR A 120 11.49 -17.22 10.86
CA THR A 120 12.19 -17.79 9.70
C THR A 120 11.88 -17.03 8.42
N LEU A 121 10.88 -16.16 8.46
CA LEU A 121 10.54 -15.31 7.33
C LEU A 121 10.88 -13.86 7.61
N LEU A 122 11.61 -13.63 8.70
CA LEU A 122 12.02 -12.29 9.08
C LEU A 122 12.93 -11.68 8.02
N GLU A 123 12.68 -10.42 7.69
CA GLU A 123 13.42 -9.69 6.65
C GLU A 123 13.23 -10.31 5.25
N LYS A 124 12.23 -11.16 5.11
CA LYS A 124 11.94 -11.80 3.83
C LYS A 124 10.59 -11.35 3.29
N PRO A 125 10.47 -11.27 1.96
CA PRO A 125 9.22 -10.84 1.31
C PRO A 125 8.06 -11.77 1.64
N LYS A 126 6.91 -11.19 1.98
CA LYS A 126 5.71 -11.96 2.26
C LYS A 126 4.56 -11.46 1.41
N LEU A 127 4.24 -12.19 0.35
CA LEU A 127 3.33 -11.73 -0.68
C LEU A 127 1.92 -12.29 -0.54
N PHE A 128 0.93 -11.42 -0.65
CA PHE A 128 -0.46 -11.84 -0.57
C PHE A 128 -1.26 -11.33 -1.77
N PHE A 129 -1.72 -12.26 -2.60
CA PHE A 129 -2.53 -11.94 -3.76
C PHE A 129 -3.99 -12.25 -3.47
N ILE A 130 -4.85 -11.24 -3.57
CA ILE A 130 -6.24 -11.40 -3.17
C ILE A 130 -7.23 -11.08 -4.27
N GLN A 131 -7.89 -12.12 -4.78
CA GLN A 131 -8.95 -11.98 -5.77
C GLN A 131 -10.30 -12.03 -5.07
N ALA A 132 -10.89 -10.85 -4.86
CA ALA A 132 -12.18 -10.72 -4.18
C ALA A 132 -12.68 -9.29 -4.23
N CYS A 133 -13.97 -9.12 -3.96
CA CYS A 133 -14.53 -7.78 -3.80
C CYS A 133 -14.09 -7.26 -2.43
N ARG A 134 -14.15 -5.94 -2.24
CA ARG A 134 -13.69 -5.33 -1.00
C ARG A 134 -14.71 -4.37 -0.42
N GLY A 135 -15.98 -4.61 -0.71
CA GLY A 135 -17.05 -3.77 -0.19
C GLY A 135 -16.99 -2.36 -0.71
N THR A 136 -17.36 -1.40 0.15
CA THR A 136 -17.33 0.01 -0.22
C THR A 136 -16.94 0.88 0.96
N ILE A 149 1.66 -8.37 20.43
CA ILE A 149 2.69 -7.82 19.56
C ILE A 149 4.03 -7.67 20.29
N ASN A 150 5.02 -8.43 19.84
CA ASN A 150 6.35 -8.37 20.42
C ASN A 150 7.38 -7.80 19.45
N ASP A 151 8.61 -7.61 19.93
CA ASP A 151 9.70 -7.15 19.08
C ASP A 151 10.24 -8.31 18.25
N THR A 152 10.72 -8.02 17.05
CA THR A 152 11.30 -9.04 16.19
C THR A 152 12.67 -9.46 16.72
N ASP A 153 13.24 -8.61 17.56
CA ASP A 153 14.54 -8.89 18.17
C ASP A 153 14.69 -8.04 19.44
N ALA A 154 15.50 -8.52 20.38
CA ALA A 154 15.75 -7.77 21.61
C ALA A 154 16.69 -6.59 21.33
N ASN A 155 17.57 -6.76 20.36
CA ASN A 155 18.52 -5.72 19.98
C ASN A 155 17.87 -4.67 19.08
N PRO A 156 17.89 -3.40 19.52
CA PRO A 156 17.34 -2.28 18.73
C PRO A 156 17.99 -2.15 17.35
N ARG A 157 19.20 -2.65 17.20
CA ARG A 157 19.92 -2.57 15.94
C ARG A 157 19.39 -3.53 14.88
N TYR A 158 18.71 -4.58 15.33
CA TYR A 158 18.17 -5.59 14.41
C TYR A 158 16.64 -5.57 14.42
N LYS A 159 16.09 -4.82 15.36
CA LYS A 159 14.64 -4.71 15.51
C LYS A 159 14.01 -4.02 14.31
N ILE A 160 13.02 -4.67 13.71
CA ILE A 160 12.30 -4.10 12.58
C ILE A 160 10.80 -4.15 12.85
N PRO A 161 10.02 -3.30 12.15
CA PRO A 161 8.56 -3.34 12.30
C PRO A 161 7.98 -4.71 11.97
N VAL A 162 6.94 -5.12 12.67
CA VAL A 162 6.35 -6.44 12.50
C VAL A 162 5.59 -6.57 11.18
N GLU A 163 5.18 -5.44 10.61
CA GLU A 163 4.42 -5.45 9.37
C GLU A 163 5.29 -5.17 8.16
N ALA A 164 6.60 -5.05 8.39
CA ALA A 164 7.54 -4.81 7.31
C ALA A 164 7.63 -6.02 6.38
N ASP A 165 8.08 -5.77 5.15
CA ASP A 165 8.30 -6.82 4.15
C ASP A 165 7.01 -7.53 3.72
N PHE A 166 5.88 -6.87 3.93
CA PHE A 166 4.59 -7.37 3.45
C PHE A 166 4.20 -6.69 2.15
N LEU A 167 3.57 -7.44 1.25
CA LEU A 167 3.01 -6.87 0.03
C LEU A 167 1.65 -7.48 -0.28
N PHE A 168 0.69 -6.62 -0.61
CA PHE A 168 -0.65 -7.07 -0.94
C PHE A 168 -1.00 -6.67 -2.38
N ALA A 169 -1.47 -7.64 -3.15
CA ALA A 169 -1.93 -7.36 -4.51
C ALA A 169 -3.42 -7.65 -4.62
N TYR A 170 -4.22 -6.59 -4.53
CA TYR A 170 -5.67 -6.73 -4.60
C TYR A 170 -6.16 -6.66 -6.04
N SER A 171 -7.20 -7.43 -6.34
CA SER A 171 -7.79 -7.46 -7.68
C SER A 171 -8.57 -6.18 -7.96
N THR A 172 -9.00 -5.52 -6.89
CA THR A 172 -9.76 -4.28 -7.01
C THR A 172 -9.63 -3.43 -5.75
N VAL A 173 -10.33 -2.29 -5.73
CA VAL A 173 -10.37 -1.41 -4.57
C VAL A 173 -11.80 -1.31 -4.05
N PRO A 174 -11.96 -0.95 -2.76
CA PRO A 174 -13.30 -0.74 -2.21
C PRO A 174 -14.11 0.28 -3.00
N GLY A 175 -15.31 -0.10 -3.41
CA GLY A 175 -16.15 0.76 -4.23
C GLY A 175 -16.36 0.18 -5.61
N TYR A 176 -15.43 -0.67 -6.04
CA TYR A 176 -15.54 -1.34 -7.33
C TYR A 176 -15.63 -2.86 -7.16
N TYR A 177 -16.10 -3.54 -8.20
CA TYR A 177 -16.24 -4.99 -8.16
C TYR A 177 -15.00 -5.69 -8.69
N SER A 178 -14.83 -6.95 -8.28
CA SER A 178 -13.79 -7.80 -8.82
C SER A 178 -14.45 -8.81 -9.75
N TRP A 179 -14.23 -8.64 -11.05
CA TRP A 179 -14.93 -9.44 -12.05
C TRP A 179 -14.31 -10.81 -12.28
N ARG A 180 -15.16 -11.77 -12.61
CA ARG A 180 -14.74 -13.14 -12.85
C ARG A 180 -15.61 -13.79 -13.92
N SER A 181 -14.98 -14.33 -14.96
CA SER A 181 -15.71 -15.00 -16.02
C SER A 181 -15.96 -16.47 -15.66
N PRO A 182 -17.25 -16.84 -15.55
CA PRO A 182 -17.68 -18.19 -15.14
C PRO A 182 -17.10 -19.30 -16.00
N GLY A 183 -16.71 -18.97 -17.23
CA GLY A 183 -16.16 -19.96 -18.13
C GLY A 183 -14.67 -19.79 -18.39
N ARG A 184 -14.11 -18.69 -17.91
CA ARG A 184 -12.70 -18.40 -18.15
C ARG A 184 -11.91 -18.04 -16.90
N GLY A 185 -12.52 -17.30 -15.99
CA GLY A 185 -11.86 -16.88 -14.77
C GLY A 185 -11.76 -15.38 -14.66
N SER A 186 -11.07 -14.91 -13.61
CA SER A 186 -10.95 -13.48 -13.37
C SER A 186 -9.92 -12.82 -14.27
N TRP A 187 -10.12 -11.54 -14.56
CA TRP A 187 -9.21 -10.78 -15.41
C TRP A 187 -7.89 -10.55 -14.69
N PHE A 188 -7.96 -10.41 -13.37
CA PHE A 188 -6.79 -10.14 -12.54
C PHE A 188 -5.80 -11.31 -12.59
N VAL A 189 -6.31 -12.53 -12.44
CA VAL A 189 -5.47 -13.72 -12.48
C VAL A 189 -4.85 -13.93 -13.86
N GLN A 190 -5.66 -13.78 -14.90
CA GLN A 190 -5.18 -13.93 -16.27
C GLN A 190 -4.07 -12.93 -16.59
N ALA A 191 -4.27 -11.69 -16.16
CA ALA A 191 -3.27 -10.64 -16.38
C ALA A 191 -2.02 -10.91 -15.56
N LEU A 192 -2.21 -11.41 -14.33
CA LEU A 192 -1.09 -11.70 -13.44
C LEU A 192 -0.21 -12.81 -14.00
N CYS A 193 -0.81 -13.94 -14.35
CA CYS A 193 -0.06 -15.07 -14.88
C CYS A 193 0.65 -14.74 -16.19
N SER A 194 -0.04 -14.03 -17.08
CA SER A 194 0.53 -13.65 -18.36
C SER A 194 1.83 -12.87 -18.23
N ILE A 195 1.84 -11.90 -17.33
CA ILE A 195 3.02 -11.06 -17.12
C ILE A 195 4.11 -11.82 -16.37
N LEU A 196 3.71 -12.71 -15.47
CA LEU A 196 4.66 -13.55 -14.75
C LEU A 196 5.38 -14.52 -15.68
N GLU A 197 4.66 -15.00 -16.70
CA GLU A 197 5.25 -15.91 -17.69
C GLU A 197 6.32 -15.22 -18.52
N GLU A 198 6.06 -13.95 -18.85
CA GLU A 198 6.93 -13.20 -19.74
C GLU A 198 8.04 -12.45 -18.99
N HIS A 199 7.68 -11.87 -17.85
CA HIS A 199 8.60 -10.98 -17.14
C HIS A 199 8.79 -11.32 -15.66
N GLY A 200 8.39 -12.53 -15.26
CA GLY A 200 8.51 -12.94 -13.88
C GLY A 200 9.94 -13.17 -13.43
N LYS A 201 10.85 -13.29 -14.40
CA LYS A 201 12.25 -13.59 -14.09
C LYS A 201 13.19 -12.42 -14.39
N ASP A 202 12.63 -11.29 -14.82
CA ASP A 202 13.48 -10.16 -15.22
C ASP A 202 13.01 -8.80 -14.69
N LEU A 203 11.75 -8.70 -14.30
CA LEU A 203 11.23 -7.44 -13.78
C LEU A 203 11.03 -7.46 -12.27
N GLU A 204 11.12 -6.28 -11.65
CA GLU A 204 10.87 -6.15 -10.22
C GLU A 204 9.37 -6.31 -9.96
N ILE A 205 9.02 -6.69 -8.74
CA ILE A 205 7.63 -7.02 -8.41
C ILE A 205 6.65 -5.87 -8.67
N MET A 206 7.08 -4.63 -8.42
CA MET A 206 6.21 -3.48 -8.63
C MET A 206 6.04 -3.16 -10.10
N GLN A 207 7.05 -3.49 -10.90
CA GLN A 207 6.95 -3.32 -12.35
C GLN A 207 5.93 -4.30 -12.89
N ILE A 208 5.97 -5.53 -12.39
CA ILE A 208 5.03 -6.57 -12.80
C ILE A 208 3.60 -6.19 -12.45
N LEU A 209 3.38 -5.80 -11.19
CA LEU A 209 2.05 -5.49 -10.71
C LEU A 209 1.48 -4.19 -11.30
N THR A 210 2.35 -3.23 -11.61
CA THR A 210 1.92 -2.00 -12.24
C THR A 210 1.37 -2.29 -13.63
N ARG A 211 2.02 -3.22 -14.33
CA ARG A 211 1.55 -3.66 -15.63
C ARG A 211 0.23 -4.42 -15.50
N VAL A 212 0.09 -5.18 -14.42
CA VAL A 212 -1.15 -5.89 -14.12
C VAL A 212 -2.31 -4.91 -13.97
N ASN A 213 -2.06 -3.84 -13.22
CA ASN A 213 -3.05 -2.78 -13.05
C ASN A 213 -3.47 -2.17 -14.38
N ASP A 214 -2.53 -2.02 -15.29
CA ASP A 214 -2.79 -1.45 -16.60
C ASP A 214 -3.57 -2.40 -17.50
N ARG A 215 -3.19 -3.68 -17.46
CA ARG A 215 -3.84 -4.72 -18.28
C ARG A 215 -5.32 -4.83 -17.94
N VAL A 216 -5.63 -4.82 -16.65
CA VAL A 216 -7.02 -4.92 -16.21
C VAL A 216 -7.75 -3.60 -16.49
N ALA A 217 -7.02 -2.49 -16.45
CA ALA A 217 -7.59 -1.18 -16.73
C ALA A 217 -7.97 -1.03 -18.20
N ARG A 218 -7.06 -1.44 -19.09
CA ARG A 218 -7.29 -1.35 -20.53
C ARG A 218 -8.29 -2.38 -21.02
N HIS A 219 -8.78 -3.22 -20.11
CA HIS A 219 -9.79 -4.23 -20.45
C HIS A 219 -11.13 -3.56 -20.72
N PHE A 220 -11.20 -2.25 -20.46
CA PHE A 220 -12.42 -1.48 -20.66
C PHE A 220 -12.27 -0.52 -21.84
N LYS A 233 -16.55 -1.13 -13.37
CA LYS A 233 -15.11 -0.92 -13.54
C LYS A 233 -14.34 -1.69 -12.47
N GLN A 234 -13.09 -2.01 -12.77
CA GLN A 234 -12.24 -2.73 -11.82
C GLN A 234 -10.86 -2.08 -11.72
N ILE A 235 -10.50 -1.68 -10.50
CA ILE A 235 -9.25 -0.98 -10.26
C ILE A 235 -8.35 -1.77 -9.30
N PRO A 236 -7.47 -2.63 -9.85
CA PRO A 236 -6.50 -3.36 -9.04
C PRO A 236 -5.53 -2.41 -8.35
N CYS A 237 -4.97 -2.83 -7.22
CA CYS A 237 -4.02 -1.98 -6.50
C CYS A 237 -2.96 -2.81 -5.80
N VAL A 238 -1.92 -2.13 -5.34
CA VAL A 238 -0.84 -2.79 -4.59
C VAL A 238 -0.60 -2.06 -3.28
N VAL A 239 -0.62 -2.80 -2.19
CA VAL A 239 -0.27 -2.26 -0.88
C VAL A 239 1.09 -2.83 -0.47
N SER A 240 2.12 -2.00 -0.51
CA SER A 240 3.48 -2.47 -0.28
C SER A 240 4.12 -1.94 1.01
N MET A 241 4.62 -2.87 1.82
CA MET A 241 5.42 -2.52 2.99
C MET A 241 6.84 -3.05 2.82
N LEU A 242 7.21 -3.33 1.57
CA LEU A 242 8.53 -3.88 1.26
C LEU A 242 9.64 -2.88 1.55
N THR A 243 10.79 -3.39 1.96
CA THR A 243 11.94 -2.56 2.29
C THR A 243 13.02 -2.65 1.22
N LYS A 244 12.86 -3.60 0.30
CA LYS A 244 13.82 -3.80 -0.78
C LYS A 244 13.08 -4.01 -2.10
N GLU A 245 13.84 -4.10 -3.18
CA GLU A 245 13.28 -4.45 -4.48
C GLU A 245 13.24 -5.98 -4.59
N LEU A 246 12.18 -6.49 -5.21
CA LEU A 246 12.00 -7.94 -5.30
C LEU A 246 12.13 -8.48 -6.72
N TYR A 247 13.20 -9.22 -6.96
CA TYR A 247 13.39 -9.93 -8.22
C TYR A 247 13.36 -11.43 -7.96
N PHE A 248 12.63 -12.16 -8.79
CA PHE A 248 12.57 -13.61 -8.64
C PHE A 248 13.76 -14.29 -9.30
N SER A 249 14.90 -14.29 -8.61
CA SER A 249 16.12 -14.87 -9.12
C SER A 249 16.61 -16.02 -8.23
N ALA B 3 9.23 3.48 -22.73
CA ALA B 3 8.47 4.70 -22.94
C ALA B 3 6.97 4.42 -22.88
N THR B 4 6.57 3.26 -23.39
CA THR B 4 5.17 2.87 -23.39
C THR B 4 4.78 2.26 -22.04
N TYR B 5 5.75 2.08 -21.16
CA TYR B 5 5.49 1.57 -19.81
C TYR B 5 5.74 2.66 -18.77
N GLN B 6 5.99 3.87 -19.24
CA GLN B 6 6.21 5.02 -18.35
C GLN B 6 5.11 6.04 -18.54
N TYR B 7 4.97 6.94 -17.57
CA TYR B 7 4.07 8.08 -17.71
C TYR B 7 4.74 9.15 -18.57
N ASN B 8 3.97 9.74 -19.48
CA ASN B 8 4.49 10.81 -20.33
C ASN B 8 4.83 12.04 -19.50
N MET B 9 6.12 12.34 -19.40
CA MET B 9 6.58 13.47 -18.60
C MET B 9 6.99 14.66 -19.47
N ASN B 10 6.60 14.63 -20.74
CA ASN B 10 6.93 15.71 -21.65
C ASN B 10 5.88 16.82 -21.63
N PHE B 11 5.84 17.56 -20.52
CA PHE B 11 4.94 18.70 -20.39
C PHE B 11 5.74 19.94 -20.00
N GLU B 12 5.09 21.10 -20.04
CA GLU B 12 5.76 22.35 -19.70
C GLU B 12 6.21 22.36 -18.24
N LYS B 13 5.37 21.85 -17.36
CA LYS B 13 5.70 21.78 -15.94
C LYS B 13 5.41 20.39 -15.37
N LEU B 14 6.12 20.05 -14.30
CA LEU B 14 5.93 18.77 -13.63
C LEU B 14 4.53 18.67 -13.03
N GLY B 15 4.10 19.76 -12.40
CA GLY B 15 2.76 19.83 -11.83
C GLY B 15 2.66 20.66 -10.57
N LYS B 16 1.45 20.77 -10.05
CA LYS B 16 1.20 21.54 -8.83
C LYS B 16 1.40 20.65 -7.60
N CYS B 17 1.94 21.23 -6.54
CA CYS B 17 2.11 20.49 -5.29
C CYS B 17 1.59 21.30 -4.11
N ILE B 18 0.52 20.81 -3.49
CA ILE B 18 -0.07 21.47 -2.34
C ILE B 18 0.32 20.80 -1.04
N ILE B 19 0.89 21.58 -0.12
CA ILE B 19 1.26 21.07 1.19
C ILE B 19 0.36 21.66 2.27
N ILE B 20 -0.34 20.79 2.99
CA ILE B 20 -1.18 21.23 4.09
C ILE B 20 -0.50 20.93 5.42
N ASN B 21 -0.05 21.97 6.10
CA ASN B 21 0.69 21.84 7.34
C ASN B 21 -0.13 22.21 8.56
N ASN B 22 -0.78 21.24 9.17
CA ASN B 22 -1.59 21.48 10.36
C ASN B 22 -0.80 21.26 11.65
N LYS B 23 -0.51 22.36 12.35
CA LYS B 23 0.30 22.30 13.56
C LYS B 23 -0.55 22.53 14.80
N ASN B 24 -1.31 23.63 14.79
CA ASN B 24 -2.15 24.00 15.93
C ASN B 24 -3.62 23.68 15.69
N PHE B 25 -4.28 23.15 16.71
CA PHE B 25 -5.66 22.72 16.59
C PHE B 25 -6.53 23.34 17.67
N ASP B 26 -7.83 23.45 17.40
CA ASP B 26 -8.76 24.02 18.36
C ASP B 26 -8.82 23.18 19.64
N LYS B 27 -9.12 23.84 20.75
CA LYS B 27 -9.14 23.17 22.05
C LYS B 27 -10.20 22.08 22.14
N VAL B 28 -11.27 22.23 21.36
CA VAL B 28 -12.37 21.28 21.38
C VAL B 28 -11.96 19.91 20.85
N THR B 29 -10.94 19.88 20.01
CA THR B 29 -10.46 18.62 19.44
C THR B 29 -9.62 17.86 20.45
N GLY B 30 -8.95 18.59 21.34
CA GLY B 30 -8.11 17.97 22.34
C GLY B 30 -6.79 17.47 21.77
N MET B 31 -6.48 17.91 20.56
CA MET B 31 -5.26 17.48 19.88
C MET B 31 -4.12 18.44 20.15
N GLY B 32 -2.99 17.89 20.60
CA GLY B 32 -1.83 18.70 20.96
C GLY B 32 -1.11 19.30 19.78
N VAL B 33 -0.19 20.23 20.06
CA VAL B 33 0.60 20.87 19.03
C VAL B 33 1.57 19.88 18.41
N ARG B 34 1.62 19.86 17.07
CA ARG B 34 2.50 18.95 16.36
C ARG B 34 3.86 19.58 16.10
N ASN B 35 4.64 19.76 17.16
CA ASN B 35 5.99 20.34 17.04
C ASN B 35 6.89 19.52 16.12
N GLY B 36 7.58 20.22 15.21
CA GLY B 36 8.46 19.56 14.27
C GLY B 36 7.88 19.53 12.86
N THR B 37 6.59 19.83 12.74
CA THR B 37 5.93 19.79 11.44
C THR B 37 6.30 21.00 10.57
N ASP B 38 6.80 22.05 11.21
CA ASP B 38 7.26 23.23 10.48
C ASP B 38 8.53 22.92 9.70
N LYS B 39 9.40 22.11 10.30
CA LYS B 39 10.61 21.66 9.62
C LYS B 39 10.22 20.77 8.46
N ASP B 40 9.24 19.90 8.69
CA ASP B 40 8.72 19.01 7.66
C ASP B 40 8.20 19.79 6.47
N ALA B 41 7.32 20.76 6.73
CA ALA B 41 6.70 21.55 5.68
C ALA B 41 7.74 22.31 4.85
N GLU B 42 8.77 22.82 5.53
CA GLU B 42 9.81 23.58 4.85
C GLU B 42 10.76 22.67 4.08
N ALA B 43 11.08 21.51 4.66
CA ALA B 43 11.93 20.52 4.00
C ALA B 43 11.22 19.93 2.78
N LEU B 44 9.93 19.72 2.90
CA LEU B 44 9.12 19.20 1.81
C LEU B 44 9.01 20.24 0.68
N PHE B 45 8.96 21.50 1.07
CA PHE B 45 8.95 22.60 0.11
C PHE B 45 10.22 22.59 -0.74
N LYS B 46 11.34 22.29 -0.09
CA LYS B 46 12.63 22.29 -0.77
C LYS B 46 12.80 21.08 -1.70
N CYS B 47 12.59 19.88 -1.16
CA CYS B 47 12.85 18.66 -1.91
C CYS B 47 11.86 18.43 -3.05
N PHE B 48 10.64 18.96 -2.91
CA PHE B 48 9.64 18.85 -3.97
C PHE B 48 9.83 19.91 -5.05
N ARG B 49 10.36 21.07 -4.67
CA ARG B 49 10.70 22.09 -5.65
C ARG B 49 11.88 21.64 -6.50
N SER B 50 12.78 20.89 -5.90
CA SER B 50 13.95 20.35 -6.59
C SER B 50 13.54 19.42 -7.72
N LEU B 51 12.44 18.69 -7.50
CA LEU B 51 11.91 17.78 -8.52
C LEU B 51 11.33 18.57 -9.69
N GLY B 52 10.83 19.77 -9.41
CA GLY B 52 10.26 20.62 -10.43
C GLY B 52 8.81 20.96 -10.19
N PHE B 53 8.35 20.73 -8.96
CA PHE B 53 6.96 21.01 -8.60
C PHE B 53 6.75 22.49 -8.26
N ASP B 54 5.54 22.97 -8.50
CA ASP B 54 5.14 24.30 -8.07
C ASP B 54 4.52 24.16 -6.68
N VAL B 55 5.31 24.40 -5.65
CA VAL B 55 4.88 24.11 -4.27
C VAL B 55 4.26 25.32 -3.56
N ILE B 56 3.11 25.07 -2.92
CA ILE B 56 2.44 26.07 -2.11
C ILE B 56 2.07 25.46 -0.76
N VAL B 57 2.35 26.18 0.32
CA VAL B 57 2.14 25.65 1.67
C VAL B 57 1.07 26.42 2.44
N TYR B 58 0.12 25.69 3.01
CA TYR B 58 -0.91 26.29 3.86
C TYR B 58 -0.83 25.75 5.28
N ASN B 59 -0.92 26.64 6.26
CA ASN B 59 -0.82 26.24 7.66
C ASN B 59 -2.15 26.30 8.41
N ASP B 60 -2.40 25.28 9.22
CA ASP B 60 -3.58 25.22 10.09
C ASP B 60 -4.90 25.43 9.35
N CYS B 61 -5.19 24.53 8.41
CA CYS B 61 -6.42 24.62 7.63
C CYS B 61 -7.56 23.89 8.31
N SER B 62 -8.75 24.47 8.22
CA SER B 62 -9.96 23.81 8.71
C SER B 62 -10.36 22.71 7.75
N CYS B 63 -11.33 21.90 8.15
CA CYS B 63 -11.83 20.84 7.29
C CYS B 63 -12.46 21.43 6.03
N ALA B 64 -13.20 22.52 6.21
CA ALA B 64 -13.83 23.22 5.09
C ALA B 64 -12.79 23.82 4.15
N LYS B 65 -11.71 24.33 4.72
CA LYS B 65 -10.64 24.95 3.93
C LYS B 65 -9.90 23.91 3.10
N MET B 66 -9.54 22.79 3.74
CA MET B 66 -8.84 21.70 3.07
C MET B 66 -9.63 21.16 1.88
N GLN B 67 -10.92 20.93 2.08
CA GLN B 67 -11.80 20.48 1.02
C GLN B 67 -11.90 21.52 -0.09
N ASP B 68 -11.88 22.79 0.31
CA ASP B 68 -12.02 23.89 -0.64
C ASP B 68 -10.81 24.04 -1.55
N LEU B 69 -9.63 24.11 -0.95
CA LEU B 69 -8.40 24.33 -1.72
C LEU B 69 -8.06 23.18 -2.66
N LEU B 70 -8.47 21.97 -2.27
CA LEU B 70 -8.28 20.80 -3.12
C LEU B 70 -9.32 20.76 -4.23
N LYS B 71 -10.52 21.25 -3.92
CA LYS B 71 -11.58 21.35 -4.92
C LYS B 71 -11.21 22.42 -5.95
N LYS B 72 -10.70 23.55 -5.48
CA LYS B 72 -10.26 24.62 -6.36
C LYS B 72 -9.08 24.17 -7.21
N ALA B 73 -8.24 23.31 -6.65
CA ALA B 73 -7.06 22.78 -7.35
C ALA B 73 -7.47 21.89 -8.51
N SER B 74 -8.46 21.03 -8.29
CA SER B 74 -8.94 20.11 -9.31
C SER B 74 -9.70 20.85 -10.40
N GLU B 75 -10.12 22.08 -10.09
CA GLU B 75 -10.85 22.90 -11.05
C GLU B 75 -9.89 23.70 -11.93
N GLU B 76 -8.62 23.71 -11.57
CA GLU B 76 -7.60 24.39 -12.37
C GLU B 76 -7.30 23.62 -13.64
N ASP B 77 -6.59 24.26 -14.56
CA ASP B 77 -6.24 23.63 -15.83
C ASP B 77 -4.88 22.95 -15.73
N HIS B 78 -4.88 21.62 -15.79
CA HIS B 78 -3.65 20.84 -15.69
C HIS B 78 -3.24 20.26 -17.04
N THR B 79 -3.63 20.94 -18.12
CA THR B 79 -3.34 20.47 -19.46
C THR B 79 -1.84 20.38 -19.73
N ASN B 80 -1.10 21.41 -19.33
CA ASN B 80 0.34 21.43 -19.54
C ASN B 80 1.13 20.97 -18.32
N ALA B 81 0.49 20.15 -17.48
CA ALA B 81 1.14 19.60 -16.30
C ALA B 81 1.27 18.08 -16.44
N ALA B 82 2.37 17.54 -15.93
CA ALA B 82 2.63 16.10 -16.03
C ALA B 82 1.85 15.32 -14.97
N CYS B 83 1.70 15.90 -13.80
CA CYS B 83 1.03 15.23 -12.70
C CYS B 83 0.56 16.21 -11.63
N PHE B 84 0.05 15.67 -10.53
CA PHE B 84 -0.34 16.48 -9.38
C PHE B 84 0.08 15.80 -8.08
N ALA B 85 0.53 16.59 -7.11
CA ALA B 85 0.94 16.05 -5.83
C ALA B 85 0.29 16.81 -4.68
N CYS B 86 0.00 16.09 -3.59
CA CYS B 86 -0.57 16.70 -2.41
C CYS B 86 -0.02 16.05 -1.14
N ILE B 87 0.49 16.87 -0.23
CA ILE B 87 1.06 16.37 1.01
C ILE B 87 0.25 16.82 2.21
N LEU B 88 -0.17 15.86 3.03
CA LEU B 88 -0.98 16.16 4.20
C LEU B 88 -0.19 15.89 5.48
N LEU B 89 -0.08 16.92 6.32
CA LEU B 89 0.65 16.82 7.58
C LEU B 89 -0.23 17.21 8.75
N SER B 90 -0.74 16.22 9.49
CA SER B 90 -1.63 16.48 10.62
C SER B 90 -1.83 15.26 11.48
N HIS B 91 -2.68 15.38 12.49
CA HIS B 91 -3.13 14.23 13.26
C HIS B 91 -4.11 13.45 12.39
N GLY B 92 -4.49 12.26 12.83
CA GLY B 92 -5.43 11.46 12.07
C GLY B 92 -5.81 10.13 12.69
N GLU B 93 -6.87 9.54 12.17
CA GLU B 93 -7.29 8.20 12.56
C GLU B 93 -7.55 7.41 11.28
N GLU B 94 -8.23 6.28 11.40
CA GLU B 94 -8.52 5.44 10.23
C GLU B 94 -9.41 6.16 9.22
N ASN B 95 -8.92 6.28 7.99
CA ASN B 95 -9.63 6.88 6.87
C ASN B 95 -9.87 8.39 6.99
N VAL B 96 -9.38 8.99 8.07
CA VAL B 96 -9.62 10.42 8.29
C VAL B 96 -8.35 11.19 8.67
N ILE B 97 -8.34 12.48 8.36
CA ILE B 97 -7.24 13.36 8.75
C ILE B 97 -7.80 14.58 9.49
N TYR B 98 -7.03 15.07 10.45
CA TYR B 98 -7.48 16.17 11.30
C TYR B 98 -7.31 17.54 10.67
N GLY B 99 -8.38 18.34 10.71
CA GLY B 99 -8.29 19.75 10.41
C GLY B 99 -8.14 20.46 11.74
N LYS B 100 -8.09 21.78 11.71
CA LYS B 100 -7.95 22.55 12.96
CA LYS B 100 -7.95 22.56 12.94
C LYS B 100 -9.21 22.47 13.80
N ASP B 101 -10.33 22.16 13.17
CA ASP B 101 -11.62 22.14 13.86
C ASP B 101 -12.29 20.76 13.86
N GLY B 102 -11.52 19.72 13.54
CA GLY B 102 -12.06 18.37 13.54
C GLY B 102 -11.46 17.48 12.48
N VAL B 103 -12.17 16.41 12.16
CA VAL B 103 -11.70 15.44 11.17
C VAL B 103 -12.50 15.49 9.87
N THR B 104 -11.88 15.01 8.80
CA THR B 104 -12.54 14.87 7.51
C THR B 104 -11.95 13.67 6.78
N PRO B 105 -12.80 12.87 6.11
CA PRO B 105 -12.34 11.68 5.40
C PRO B 105 -11.34 12.00 4.30
N ILE B 106 -10.28 11.19 4.23
CA ILE B 106 -9.23 11.39 3.23
C ILE B 106 -9.75 11.17 1.81
N LYS B 107 -10.59 10.17 1.62
CA LYS B 107 -11.12 9.85 0.29
C LYS B 107 -12.00 10.97 -0.27
N ASP B 108 -12.55 11.80 0.61
CA ASP B 108 -13.33 12.96 0.17
C ASP B 108 -12.41 14.03 -0.41
N LEU B 109 -11.21 14.11 0.14
CA LEU B 109 -10.21 15.07 -0.32
C LEU B 109 -9.66 14.69 -1.69
N THR B 110 -9.51 13.40 -1.93
CA THR B 110 -8.93 12.91 -3.17
C THR B 110 -9.97 12.71 -4.26
N ALA B 111 -11.24 12.72 -3.88
CA ALA B 111 -12.33 12.48 -4.81
C ALA B 111 -12.44 13.57 -5.88
N HIS B 112 -11.93 14.75 -5.57
CA HIS B 112 -12.00 15.88 -6.48
C HIS B 112 -11.14 15.66 -7.74
N PHE B 113 -10.10 14.84 -7.59
CA PHE B 113 -9.12 14.65 -8.66
C PHE B 113 -9.38 13.39 -9.49
N ARG B 114 -10.57 12.83 -9.34
CA ARG B 114 -10.97 11.69 -10.16
C ARG B 114 -11.19 12.15 -11.60
N GLY B 115 -11.06 11.22 -12.54
CA GLY B 115 -11.15 11.54 -13.95
C GLY B 115 -12.43 12.21 -14.39
N ASP B 116 -13.53 11.89 -13.71
CA ASP B 116 -14.84 12.44 -14.06
C ASP B 116 -15.06 13.84 -13.49
N ARG B 117 -14.13 14.29 -12.64
CA ARG B 117 -14.23 15.61 -12.04
C ARG B 117 -13.02 16.47 -12.37
N CYS B 118 -12.02 15.84 -12.98
CA CYS B 118 -10.79 16.54 -13.34
C CYS B 118 -10.23 15.97 -14.64
N LYS B 119 -10.74 16.48 -15.76
CA LYS B 119 -10.40 15.97 -17.08
C LYS B 119 -8.93 16.16 -17.44
N THR B 120 -8.36 17.28 -17.02
CA THR B 120 -6.99 17.64 -17.41
C THR B 120 -5.93 16.80 -16.67
N LEU B 121 -6.36 16.04 -15.68
CA LEU B 121 -5.45 15.15 -14.95
C LEU B 121 -5.76 13.67 -15.23
N LEU B 122 -6.61 13.43 -16.22
CA LEU B 122 -6.95 12.06 -16.61
C LEU B 122 -5.74 11.31 -17.14
N GLU B 123 -5.55 10.09 -16.67
CA GLU B 123 -4.40 9.26 -17.05
C GLU B 123 -3.06 9.91 -16.69
N LYS B 124 -3.11 10.83 -15.74
CA LYS B 124 -1.90 11.40 -15.15
C LYS B 124 -1.87 11.00 -13.68
N PRO B 125 -0.67 10.72 -13.14
CA PRO B 125 -0.56 10.26 -11.76
C PRO B 125 -0.92 11.33 -10.73
N LYS B 126 -1.80 10.98 -9.79
CA LYS B 126 -2.11 11.84 -8.66
C LYS B 126 -1.43 11.30 -7.41
N LEU B 127 -0.50 12.07 -6.86
CA LEU B 127 0.30 11.60 -5.73
C LEU B 127 -0.17 12.22 -4.41
N PHE B 128 -0.49 11.37 -3.44
CA PHE B 128 -0.91 11.83 -2.12
C PHE B 128 -0.02 11.28 -1.03
N PHE B 129 0.77 12.16 -0.41
CA PHE B 129 1.66 11.80 0.68
C PHE B 129 1.02 12.22 1.99
N ILE B 130 0.85 11.27 2.91
CA ILE B 130 0.10 11.54 4.13
C ILE B 130 0.85 11.18 5.41
N GLN B 131 1.22 12.21 6.18
CA GLN B 131 1.82 12.02 7.49
C GLN B 131 0.76 12.17 8.57
N ALA B 132 0.27 11.05 9.07
CA ALA B 132 -0.77 11.02 10.09
C ALA B 132 -0.95 9.61 10.62
N CYS B 133 -1.51 9.50 11.83
CA CYS B 133 -1.85 8.21 12.39
C CYS B 133 -3.06 7.66 11.64
N ARG B 134 -3.17 6.33 11.59
CA ARG B 134 -4.28 5.68 10.90
C ARG B 134 -4.91 4.64 11.81
N GLY B 135 -5.34 5.06 13.00
CA GLY B 135 -5.83 4.12 14.00
C GLY B 135 -4.65 3.55 14.75
N THR B 136 -4.79 3.40 16.07
CA THR B 136 -3.66 3.00 16.90
C THR B 136 -4.03 1.88 17.89
N GLU B 137 -4.95 1.01 17.49
CA GLU B 137 -5.41 -0.05 18.37
C GLU B 137 -4.42 -1.20 18.51
N LEU B 138 -3.34 -1.16 17.74
CA LEU B 138 -2.31 -2.19 17.81
C LEU B 138 -1.02 -1.67 18.44
N ASP B 139 -0.48 -0.60 17.89
CA ASP B 139 0.77 -0.03 18.37
C ASP B 139 0.52 0.88 19.56
N LYS B 159 -18.61 7.07 0.96
CA LYS B 159 -17.24 6.75 0.59
C LYS B 159 -17.08 6.74 -0.93
N ILE B 160 -16.38 7.73 -1.45
CA ILE B 160 -16.10 7.80 -2.87
C ILE B 160 -14.84 6.99 -3.22
N PRO B 161 -14.99 6.00 -4.11
CA PRO B 161 -13.89 5.11 -4.49
C PRO B 161 -12.74 5.85 -5.16
N VAL B 162 -11.52 5.34 -4.98
CA VAL B 162 -10.36 5.88 -5.68
C VAL B 162 -10.35 5.36 -7.11
N GLU B 163 -9.39 5.84 -7.91
CA GLU B 163 -9.29 5.40 -9.30
C GLU B 163 -7.87 4.96 -9.65
N ALA B 164 -7.69 4.58 -10.91
CA ALA B 164 -6.37 4.26 -11.43
C ALA B 164 -5.54 5.54 -11.49
N ASP B 165 -4.22 5.36 -11.61
CA ASP B 165 -3.28 6.48 -11.66
C ASP B 165 -3.29 7.31 -10.38
N PHE B 166 -3.75 6.69 -9.30
CA PHE B 166 -3.69 7.28 -7.98
C PHE B 166 -2.63 6.56 -7.15
N LEU B 167 -1.89 7.31 -6.33
CA LEU B 167 -0.94 6.71 -5.42
C LEU B 167 -1.00 7.35 -4.04
N PHE B 168 -1.08 6.51 -3.01
CA PHE B 168 -1.11 6.99 -1.64
C PHE B 168 0.14 6.52 -0.91
N ALA B 169 0.96 7.47 -0.47
CA ALA B 169 2.13 7.16 0.32
C ALA B 169 1.88 7.48 1.79
N TYR B 170 1.35 6.50 2.52
CA TYR B 170 1.05 6.68 3.93
C TYR B 170 2.31 6.55 4.78
N SER B 171 2.37 7.32 5.86
CA SER B 171 3.51 7.29 6.77
C SER B 171 3.53 6.01 7.60
N THR B 172 2.37 5.36 7.73
CA THR B 172 2.27 4.16 8.55
C THR B 172 1.19 3.20 8.09
N VAL B 173 1.16 2.03 8.72
CA VAL B 173 0.15 1.01 8.46
C VAL B 173 -1.03 1.22 9.40
N PRO B 174 -2.27 1.06 8.89
CA PRO B 174 -3.47 1.15 9.72
C PRO B 174 -3.37 0.29 10.98
N GLY B 175 -3.63 0.89 12.13
CA GLY B 175 -3.53 0.20 13.40
C GLY B 175 -2.27 0.55 14.16
N TYR B 176 -1.35 1.25 13.49
CA TYR B 176 -0.06 1.59 14.08
C TYR B 176 0.17 3.10 14.15
N TYR B 177 1.10 3.49 15.01
CA TYR B 177 1.42 4.91 15.21
C TYR B 177 2.25 5.49 14.06
N SER B 178 2.12 6.79 13.86
CA SER B 178 3.02 7.52 12.97
C SER B 178 3.83 8.49 13.82
N TRP B 179 5.11 8.20 14.00
CA TRP B 179 5.94 8.95 14.95
C TRP B 179 6.49 10.26 14.38
N ARG B 180 6.78 11.19 15.29
CA ARG B 180 7.29 12.50 14.91
C ARG B 180 8.22 13.05 15.98
N SER B 181 9.48 13.32 15.59
CA SER B 181 10.44 13.92 16.49
C SER B 181 10.18 15.43 16.59
N PRO B 182 9.86 15.91 17.79
CA PRO B 182 9.51 17.32 18.02
C PRO B 182 10.63 18.29 17.68
N GLY B 183 11.87 17.79 17.60
CA GLY B 183 13.01 18.63 17.32
C GLY B 183 13.62 18.41 15.95
N ARG B 184 13.16 17.38 15.25
CA ARG B 184 13.71 17.04 13.93
C ARG B 184 12.63 16.89 12.87
N GLY B 185 11.42 16.57 13.30
CA GLY B 185 10.31 16.35 12.38
C GLY B 185 9.85 14.91 12.37
N SER B 186 8.86 14.60 11.55
CA SER B 186 8.34 13.23 11.46
C SER B 186 9.32 12.33 10.73
N TRP B 187 9.35 11.07 11.14
CA TRP B 187 10.26 10.08 10.55
C TRP B 187 10.05 9.92 9.06
N PHE B 188 8.78 9.89 8.66
CA PHE B 188 8.40 9.67 7.26
C PHE B 188 8.88 10.80 6.35
N VAL B 189 8.67 12.05 6.79
CA VAL B 189 9.11 13.21 6.02
C VAL B 189 10.63 13.33 5.97
N GLN B 190 11.28 13.07 7.10
CA GLN B 190 12.73 13.06 7.17
C GLN B 190 13.31 12.10 6.14
N ALA B 191 12.74 10.91 6.08
CA ALA B 191 13.20 9.88 5.15
C ALA B 191 12.86 10.23 3.71
N LEU B 192 11.65 10.74 3.50
CA LEU B 192 11.16 11.06 2.15
C LEU B 192 12.06 12.06 1.43
N CYS B 193 12.30 13.21 2.04
CA CYS B 193 13.14 14.23 1.43
C CYS B 193 14.61 13.81 1.34
N SER B 194 15.04 12.96 2.26
CA SER B 194 16.41 12.45 2.24
C SER B 194 16.65 11.59 1.01
N ILE B 195 15.65 10.79 0.65
CA ILE B 195 15.76 9.93 -0.52
C ILE B 195 15.54 10.74 -1.80
N LEU B 196 14.61 11.70 -1.75
CA LEU B 196 14.29 12.52 -2.91
C LEU B 196 15.45 13.44 -3.32
N GLU B 197 16.18 13.95 -2.35
CA GLU B 197 17.31 14.83 -2.63
C GLU B 197 18.49 14.05 -3.20
N GLU B 198 18.54 12.76 -2.87
CA GLU B 198 19.66 11.91 -3.27
C GLU B 198 19.40 11.15 -4.56
N HIS B 199 18.18 10.66 -4.75
CA HIS B 199 17.86 9.82 -5.90
C HIS B 199 16.52 10.18 -6.56
N GLY B 200 15.98 11.35 -6.23
CA GLY B 200 14.68 11.75 -6.74
C GLY B 200 14.61 11.94 -8.25
N LYS B 201 15.75 12.24 -8.85
CA LYS B 201 15.81 12.46 -10.29
C LYS B 201 16.14 11.19 -11.05
N ASP B 202 16.58 10.16 -10.33
CA ASP B 202 17.05 8.94 -10.97
C ASP B 202 16.05 7.79 -10.90
N LEU B 203 15.54 7.54 -9.70
CA LEU B 203 14.73 6.34 -9.45
C LEU B 203 13.25 6.49 -9.77
N GLU B 204 12.59 5.38 -10.04
CA GLU B 204 11.16 5.34 -10.25
C GLU B 204 10.47 5.53 -8.90
N ILE B 205 9.22 5.99 -8.92
CA ILE B 205 8.53 6.38 -7.69
C ILE B 205 8.44 5.27 -6.64
N MET B 206 8.28 4.03 -7.09
CA MET B 206 8.19 2.90 -6.16
C MET B 206 9.55 2.56 -5.56
N GLN B 207 10.61 2.78 -6.33
CA GLN B 207 11.97 2.57 -5.84
C GLN B 207 12.27 3.55 -4.72
N ILE B 208 11.86 4.80 -4.93
CA ILE B 208 12.05 5.86 -3.94
C ILE B 208 11.29 5.54 -2.65
N LEU B 209 10.01 5.19 -2.79
CA LEU B 209 9.16 4.92 -1.64
C LEU B 209 9.57 3.64 -0.89
N THR B 210 10.13 2.69 -1.62
CA THR B 210 10.63 1.46 -1.02
C THR B 210 11.84 1.75 -0.13
N ARG B 211 12.71 2.64 -0.60
CA ARG B 211 13.86 3.07 0.17
C ARG B 211 13.42 3.91 1.38
N VAL B 212 12.32 4.64 1.22
CA VAL B 212 11.75 5.39 2.33
C VAL B 212 11.24 4.42 3.38
N ASN B 213 10.60 3.35 2.92
CA ASN B 213 10.14 2.29 3.82
C ASN B 213 11.28 1.72 4.65
N ASP B 214 12.38 1.39 3.99
CA ASP B 214 13.54 0.80 4.65
C ASP B 214 14.20 1.79 5.62
N ARG B 215 14.26 3.06 5.22
CA ARG B 215 14.87 4.10 6.04
C ARG B 215 14.11 4.29 7.35
N VAL B 216 12.78 4.38 7.25
CA VAL B 216 11.93 4.54 8.42
C VAL B 216 11.99 3.29 9.30
N ALA B 217 12.00 2.13 8.66
CA ALA B 217 11.95 0.85 9.38
C ALA B 217 13.20 0.52 10.17
N ARG B 218 14.36 1.00 9.72
CA ARG B 218 15.62 0.60 10.33
C ARG B 218 16.33 1.71 11.12
N HIS B 219 16.16 2.95 10.69
CA HIS B 219 16.90 4.07 11.28
C HIS B 219 16.24 4.64 12.54
N PHE B 220 14.94 4.41 12.69
CA PHE B 220 14.20 5.03 13.78
C PHE B 220 13.62 4.05 14.80
N GLU B 221 13.63 4.49 16.05
CA GLU B 221 12.88 3.81 17.11
C GLU B 221 12.43 4.88 18.12
N SER B 222 11.24 4.68 18.69
CA SER B 222 10.64 5.69 19.56
C SER B 222 11.41 5.92 20.86
N GLN B 223 11.36 7.15 21.35
CA GLN B 223 11.97 7.51 22.62
C GLN B 223 10.93 7.95 23.63
N SER B 224 10.87 7.29 24.77
CA SER B 224 9.92 7.61 25.82
C SER B 224 10.33 7.00 27.15
N ASP B 225 10.03 7.68 28.25
CA ASP B 225 10.30 7.14 29.57
C ASP B 225 9.21 6.15 29.98
N ASP B 226 8.21 6.01 29.11
CA ASP B 226 7.19 4.99 29.24
C ASP B 226 7.63 3.79 28.42
N PRO B 227 8.11 2.73 29.09
CA PRO B 227 8.68 1.54 28.45
C PRO B 227 7.72 0.87 27.47
N HIS B 228 6.42 1.14 27.60
CA HIS B 228 5.42 0.57 26.72
C HIS B 228 5.43 1.28 25.36
N PHE B 229 5.84 2.54 25.36
CA PHE B 229 5.90 3.33 24.15
C PHE B 229 7.34 3.67 23.80
N HIS B 230 8.28 2.88 24.33
CA HIS B 230 9.70 3.11 24.12
C HIS B 230 10.28 2.13 23.12
N GLU B 231 11.11 2.65 22.21
CA GLU B 231 11.75 1.85 21.17
C GLU B 231 10.77 1.09 20.29
N LYS B 232 9.67 1.75 19.93
CA LYS B 232 8.70 1.17 19.00
C LYS B 232 9.11 1.43 17.56
N LYS B 233 8.63 0.57 16.66
CA LYS B 233 9.03 0.64 15.26
C LYS B 233 7.88 1.11 14.37
N GLN B 234 8.24 1.60 13.17
CA GLN B 234 7.24 2.12 12.24
C GLN B 234 7.56 1.74 10.80
N ILE B 235 6.56 1.24 10.09
CA ILE B 235 6.71 0.93 8.67
C ILE B 235 5.66 1.67 7.85
N PRO B 236 6.10 2.48 6.88
CA PRO B 236 5.17 3.21 6.02
C PRO B 236 4.38 2.27 5.11
N CYS B 237 3.39 2.82 4.41
CA CYS B 237 2.48 2.00 3.62
C CYS B 237 2.17 2.67 2.27
N VAL B 238 2.62 2.05 1.20
CA VAL B 238 2.38 2.58 -0.14
C VAL B 238 1.20 1.88 -0.83
N VAL B 239 0.18 2.65 -1.16
CA VAL B 239 -0.96 2.14 -1.89
C VAL B 239 -0.96 2.68 -3.32
N SER B 240 -0.60 1.83 -4.27
CA SER B 240 -0.46 2.27 -5.66
C SER B 240 -1.54 1.72 -6.58
N MET B 241 -2.25 2.64 -7.24
CA MET B 241 -3.20 2.28 -8.30
C MET B 241 -2.66 2.72 -9.64
N LEU B 242 -1.36 3.00 -9.69
CA LEU B 242 -0.71 3.47 -10.91
C LEU B 242 -0.73 2.40 -11.99
N THR B 243 -0.79 2.84 -13.25
CA THR B 243 -0.82 1.92 -14.38
C THR B 243 0.47 1.99 -15.19
N LYS B 244 1.33 2.95 -14.86
CA LYS B 244 2.61 3.10 -15.52
C LYS B 244 3.72 3.39 -14.50
N GLU B 245 4.97 3.35 -14.96
CA GLU B 245 6.09 3.71 -14.12
C GLU B 245 6.27 5.23 -14.10
N LEU B 246 6.75 5.75 -12.98
CA LEU B 246 6.84 7.20 -12.82
C LEU B 246 8.25 7.69 -12.51
N TYR B 247 8.88 8.32 -13.50
CA TYR B 247 10.16 8.99 -13.30
C TYR B 247 9.93 10.50 -13.38
N PHE B 248 10.54 11.24 -12.46
CA PHE B 248 10.31 12.68 -12.39
C PHE B 248 11.07 13.46 -13.47
N SER B 249 12.04 12.82 -14.09
CA SER B 249 12.81 13.46 -15.15
C SER B 249 12.10 13.36 -16.50
C ACE C 1 -21.41 -13.12 -16.98
O ACE C 1 -21.14 -14.15 -16.38
CH3 ACE C 1 -22.48 -13.13 -18.05
N ASP C 2 -20.60 -12.07 -17.00
CA ASP C 2 -19.52 -11.93 -16.02
C ASP C 2 -20.06 -11.74 -14.61
N GLU C 3 -19.44 -12.41 -13.65
CA GLU C 3 -19.89 -12.35 -12.26
C GLU C 3 -18.89 -11.60 -11.39
N VAL C 4 -19.36 -11.12 -10.24
CA VAL C 4 -18.52 -10.36 -9.33
C VAL C 4 -18.24 -11.13 -8.05
C AKZ C 5 -17.03 -10.53 -4.85
N AKZ C 5 -17.20 -10.73 -7.33
O AKZ C 5 -16.26 -10.70 -3.86
CA AKZ C 5 -16.82 -11.39 -6.08
CB AKZ C 5 -15.37 -11.89 -6.16
CG AKZ C 5 -15.17 -13.12 -7.03
OD1 AKZ C 5 -14.07 -13.31 -7.56
OD2 AKZ C 5 -16.14 -13.89 -7.15
C1 0QE C 6 -18.59 -10.48 -4.55
C ACE D 1 9.71 12.30 22.69
O ACE D 1 9.32 13.41 22.39
CH3 ACE D 1 10.48 12.11 23.98
N ASP D 2 9.70 11.28 21.86
CA ASP D 2 9.00 11.34 20.57
C ASP D 2 7.49 11.49 20.76
N GLU D 3 6.85 12.04 19.73
CA GLU D 3 5.40 12.24 19.76
C GLU D 3 4.73 11.46 18.63
N VAL D 4 3.42 11.25 18.75
CA VAL D 4 2.67 10.52 17.75
C VAL D 4 1.63 11.39 17.07
C AKZ D 5 -1.18 10.97 15.07
N AKZ D 5 1.17 10.97 15.90
O AKZ D 5 -1.94 11.21 14.09
CA AKZ D 5 0.14 11.69 15.15
CB AKZ D 5 0.67 12.06 13.76
CG AKZ D 5 1.62 13.24 13.71
OD1 AKZ D 5 2.44 13.32 12.79
OD2 AKZ D 5 1.51 14.09 14.62
C1 0QE D 6 -1.84 10.98 16.52
CL CL E . -14.79 -23.19 -11.92
CL CL F . 7.04 22.82 14.55
#